data_1GT0
#
_entry.id   1GT0
#
_cell.length_a   72.800
_cell.length_b   72.800
_cell.length_c   172.400
_cell.angle_alpha   90.00
_cell.angle_beta   90.00
_cell.angle_gamma   120.00
#
_symmetry.space_group_name_H-M   'P 31 2 1'
#
loop_
_entity.id
_entity.type
_entity.pdbx_description
1 polymer "5'-D(*TP*TP*CP*TP*TP*TP*GP*TP*TP*TP* GP*GP*AP* TP*GP*CP*TP*AP*AP*TP*GP*GP*GP*A)-3'"
2 polymer "5'-D(*AP*TP*CP*CP*CP*AP*TP*TP*AP*GP* CP*AP*TP*CP*CP*AP*AP*AP*CP*AP*AP*AP*GP*A)-3'"
3 polymer 'OCTAMER-BINDING TRANSCRIPTION FACTOR 1'
4 polymer 'TRANSCRIPTION FACTOR SOX-2'
5 water water
#
loop_
_entity_poly.entity_id
_entity_poly.type
_entity_poly.pdbx_seq_one_letter_code
_entity_poly.pdbx_strand_id
1 'polydeoxyribonucleotide'
;(DT)(DT)(DC)(DT)(DT)(DT)(DG)(DT)(DT)(DT)(DG)(DG)(DA)(DT)(DG)(DC)(DT)(DA)(DA)(DT)
(DG)(DG)(DG)(DA)
;
A
2 'polydeoxyribonucleotide'
;(DA)(DT)(DC)(DC)(DC)(DA)(DT)(DT)(DA)(DG)(DC)(DA)(DT)(DC)(DC)(DA)(DA)(DA)(DC)(DA)
(DA)(DA)(DG)(DA)
;
B
3 'polypeptide(L)'
;EEPSDLEELEQFAKTFKQRRIKLGFTQGDVGLAMGKLYGNDFSQTTISRFEALNLSFKNMSKLKPLLEKWLNDAENLSSD
SSLSSPSALNSPGIEGLSRRRKKRTSIETNIRVALEKSFLENQKPTSEEITMIADQLNMEKEVIRVWFSNRRQKEKRIN
;
C
4 'polypeptide(L)' DRVKRPMNAFMVWSRGQRRKMAQENPKMHNSEISKRLGAEWKLLSETEKRPFIDEAKRLRALHMKEHPDYKYRPRRKTKT D
#
loop_
_chem_comp.id
_chem_comp.type
_chem_comp.name
_chem_comp.formula
DA DNA linking 2'-DEOXYADENOSINE-5'-MONOPHOSPHATE 'C10 H14 N5 O6 P'
DC DNA linking 2'-DEOXYCYTIDINE-5'-MONOPHOSPHATE 'C9 H14 N3 O7 P'
DG DNA linking 2'-DEOXYGUANOSINE-5'-MONOPHOSPHATE 'C10 H14 N5 O7 P'
DT DNA linking THYMIDINE-5'-MONOPHOSPHATE 'C10 H15 N2 O8 P'
#
# COMPACT_ATOMS: atom_id res chain seq x y z
N PRO C 3 -25.49 12.80 19.52
CA PRO C 3 -25.49 11.32 19.67
C PRO C 3 -25.92 10.66 18.36
N SER C 4 -25.97 11.44 17.28
CA SER C 4 -26.40 10.95 15.96
C SER C 4 -25.59 9.75 15.46
N ASP C 5 -26.29 8.71 14.99
CA ASP C 5 -25.63 7.52 14.48
C ASP C 5 -24.41 7.87 13.67
N LEU C 6 -24.60 8.77 12.71
CA LEU C 6 -23.55 9.20 11.81
C LEU C 6 -22.39 9.96 12.44
N GLU C 7 -22.67 10.80 13.43
CA GLU C 7 -21.63 11.56 14.08
C GLU C 7 -20.75 10.68 14.97
N GLU C 8 -21.33 9.62 15.53
CA GLU C 8 -20.56 8.71 16.38
C GLU C 8 -19.62 7.96 15.45
N LEU C 9 -20.20 7.43 14.38
CA LEU C 9 -19.45 6.69 13.38
C LEU C 9 -18.38 7.65 12.84
N GLU C 10 -18.80 8.89 12.66
CA GLU C 10 -17.95 9.97 12.18
C GLU C 10 -16.79 10.24 13.16
N GLN C 11 -17.09 10.26 14.45
CA GLN C 11 -16.06 10.50 15.45
C GLN C 11 -15.18 9.31 15.70
N PHE C 12 -15.73 8.11 15.48
CA PHE C 12 -14.93 6.94 15.72
C PHE C 12 -13.83 6.75 14.69
N ALA C 13 -14.11 7.05 13.44
CA ALA C 13 -13.06 6.91 12.43
C ALA C 13 -11.87 7.82 12.78
N LYS C 14 -12.19 9.04 13.18
CA LYS C 14 -11.14 10.02 13.55
C LYS C 14 -10.44 9.54 14.80
N THR C 15 -11.22 9.22 15.82
CA THR C 15 -10.66 8.75 17.06
C THR C 15 -9.80 7.56 16.72
N PHE C 16 -10.41 6.56 16.10
CA PHE C 16 -9.71 5.34 15.73
C PHE C 16 -8.37 5.58 15.09
N LYS C 17 -8.34 6.44 14.09
CA LYS C 17 -7.10 6.74 13.38
C LYS C 17 -6.01 7.27 14.31
N GLN C 18 -6.34 8.31 15.09
CA GLN C 18 -5.38 8.90 16.02
C GLN C 18 -4.84 7.79 16.90
N ARG C 19 -5.76 7.08 17.55
CA ARG C 19 -5.37 6.00 18.43
C ARG C 19 -4.52 4.98 17.69
N ARG C 20 -4.72 4.87 16.39
CA ARG C 20 -3.97 3.89 15.58
C ARG C 20 -2.56 4.34 15.29
N ILE C 21 -2.42 5.58 14.87
CA ILE C 21 -1.12 6.14 14.59
C ILE C 21 -0.32 6.19 15.88
N LYS C 22 -1.02 6.40 16.99
CA LYS C 22 -0.37 6.45 18.30
C LYS C 22 0.42 5.17 18.47
N LEU C 23 -0.29 4.03 18.49
CA LEU C 23 0.39 2.75 18.64
C LEU C 23 1.43 2.49 17.56
N GLY C 24 1.74 3.50 16.74
CA GLY C 24 2.69 3.31 15.66
C GLY C 24 2.30 2.11 14.80
N PHE C 25 1.01 2.02 14.48
CA PHE C 25 0.43 0.94 13.69
C PHE C 25 0.01 1.37 12.27
N THR C 26 0.38 0.55 11.31
CA THR C 26 0.10 0.76 9.89
C THR C 26 -1.33 0.29 9.50
N GLN C 27 -1.94 0.89 8.48
CA GLN C 27 -3.28 0.45 8.08
C GLN C 27 -3.20 -1.02 7.76
N GLY C 28 -2.12 -1.43 7.08
CA GLY C 28 -1.89 -2.82 6.75
C GLY C 28 -1.70 -3.71 7.97
N ASP C 29 -1.13 -3.20 9.06
CA ASP C 29 -0.94 -4.05 10.23
C ASP C 29 -2.27 -4.38 10.87
N VAL C 30 -3.14 -3.39 10.94
CA VAL C 30 -4.42 -3.62 11.55
C VAL C 30 -5.19 -4.66 10.74
N GLY C 31 -5.22 -4.51 9.43
CA GLY C 31 -5.94 -5.48 8.61
C GLY C 31 -5.39 -6.89 8.83
N LEU C 32 -4.09 -6.95 9.02
CA LEU C 32 -3.42 -8.20 9.24
C LEU C 32 -3.88 -8.77 10.56
N ALA C 33 -3.94 -7.90 11.57
CA ALA C 33 -4.33 -8.33 12.90
C ALA C 33 -5.77 -8.80 12.97
N MET C 34 -6.61 -8.29 12.09
CA MET C 34 -8.00 -8.69 12.10
C MET C 34 -8.06 -10.12 11.63
N GLY C 35 -7.07 -10.51 10.84
CA GLY C 35 -7.04 -11.86 10.28
C GLY C 35 -7.12 -12.93 11.34
N LYS C 36 -6.14 -12.91 12.24
CA LYS C 36 -6.07 -13.87 13.32
C LYS C 36 -7.40 -13.88 14.05
N LEU C 37 -7.87 -12.71 14.42
CA LEU C 37 -9.12 -12.54 15.15
C LEU C 37 -10.46 -13.03 14.56
N TYR C 38 -10.72 -12.79 13.27
CA TYR C 38 -12.03 -13.15 12.70
C TYR C 38 -12.17 -14.11 11.52
N GLY C 39 -11.15 -14.90 11.20
CA GLY C 39 -11.27 -15.86 10.11
C GLY C 39 -11.41 -15.23 8.72
N ASN C 40 -10.77 -14.09 8.58
CA ASN C 40 -10.78 -13.37 7.34
C ASN C 40 -9.96 -12.14 7.54
N ASP C 41 -9.06 -11.84 6.62
CA ASP C 41 -8.28 -10.64 6.79
C ASP C 41 -9.06 -9.50 6.20
N PHE C 42 -8.52 -8.30 6.43
CA PHE C 42 -9.10 -7.10 5.91
C PHE C 42 -7.96 -6.39 5.25
N SER C 43 -8.16 -6.00 3.99
CA SER C 43 -7.15 -5.30 3.20
C SER C 43 -6.79 -3.91 3.72
N GLN C 44 -5.67 -3.38 3.27
CA GLN C 44 -5.27 -2.03 3.64
C GLN C 44 -6.34 -1.11 3.06
N THR C 45 -6.78 -1.43 1.85
CA THR C 45 -7.79 -0.61 1.20
C THR C 45 -9.01 -0.42 2.11
N THR C 46 -9.49 -1.51 2.69
CA THR C 46 -10.66 -1.43 3.55
C THR C 46 -10.41 -0.57 4.79
N ILE C 47 -9.26 -0.73 5.43
CA ILE C 47 -8.97 0.07 6.61
C ILE C 47 -8.93 1.56 6.26
N SER C 48 -8.34 1.90 5.13
CA SER C 48 -8.25 3.29 4.72
C SER C 48 -9.61 3.88 4.41
N ARG C 49 -10.45 3.10 3.75
CA ARG C 49 -11.75 3.64 3.42
C ARG C 49 -12.51 3.86 4.72
N PHE C 50 -12.41 2.90 5.61
CA PHE C 50 -13.07 3.03 6.89
C PHE C 50 -12.61 4.33 7.56
N GLU C 51 -11.31 4.50 7.71
CA GLU C 51 -10.83 5.70 8.36
C GLU C 51 -11.20 7.01 7.69
N ALA C 52 -11.61 6.96 6.42
CA ALA C 52 -11.95 8.19 5.70
C ALA C 52 -13.41 8.31 5.36
N LEU C 53 -14.27 7.56 6.02
CA LEU C 53 -15.68 7.62 5.69
C LEU C 53 -16.04 7.17 4.26
N ASN C 54 -15.26 6.26 3.65
CA ASN C 54 -15.58 5.85 2.28
C ASN C 54 -16.21 4.49 2.10
N LEU C 55 -17.02 4.07 3.05
CA LEU C 55 -17.67 2.80 2.92
C LEU C 55 -19.11 3.20 3.02
N SER C 56 -20.01 2.25 2.80
CA SER C 56 -21.42 2.53 2.93
C SER C 56 -21.65 2.71 4.41
N PHE C 57 -22.80 3.29 4.75
CA PHE C 57 -23.15 3.50 6.14
C PHE C 57 -23.23 2.10 6.79
N LYS C 58 -23.99 1.24 6.14
CA LYS C 58 -24.22 -0.14 6.55
C LYS C 58 -22.86 -0.85 6.78
N ASN C 59 -21.99 -0.84 5.78
CA ASN C 59 -20.70 -1.52 5.90
C ASN C 59 -19.86 -1.00 7.07
N MET C 60 -19.83 0.31 7.21
CA MET C 60 -19.05 0.89 8.28
C MET C 60 -19.57 0.48 9.64
N SER C 61 -20.87 0.61 9.83
CA SER C 61 -21.50 0.28 11.09
C SER C 61 -21.17 -1.13 11.53
N LYS C 62 -20.94 -2.02 10.55
CA LYS C 62 -20.63 -3.41 10.81
C LYS C 62 -19.18 -3.63 11.17
N LEU C 63 -18.28 -2.84 10.61
CA LEU C 63 -16.88 -3.03 10.93
C LEU C 63 -16.53 -2.32 12.23
N LYS C 64 -17.30 -1.29 12.59
CA LYS C 64 -16.98 -0.55 13.80
C LYS C 64 -16.60 -1.51 14.95
N PRO C 65 -17.52 -2.42 15.33
CA PRO C 65 -17.31 -3.38 16.42
C PRO C 65 -16.00 -4.13 16.31
N LEU C 66 -15.72 -4.68 15.13
CA LEU C 66 -14.49 -5.43 14.96
C LEU C 66 -13.27 -4.55 15.19
N LEU C 67 -13.30 -3.35 14.64
CA LEU C 67 -12.17 -2.45 14.80
C LEU C 67 -12.05 -1.95 16.20
N GLU C 68 -13.18 -1.80 16.86
CA GLU C 68 -13.19 -1.32 18.23
C GLU C 68 -12.61 -2.39 19.17
N LYS C 69 -13.08 -3.62 19.05
CA LYS C 69 -12.59 -4.66 19.91
C LYS C 69 -11.08 -4.78 19.78
N TRP C 70 -10.62 -4.86 18.53
CA TRP C 70 -9.20 -4.97 18.24
C TRP C 70 -8.39 -3.85 18.88
N LEU C 71 -8.88 -2.62 18.73
CA LEU C 71 -8.18 -1.46 19.28
C LEU C 71 -8.07 -1.54 20.80
N ASN C 72 -9.15 -1.92 21.45
CA ASN C 72 -9.11 -2.03 22.89
C ASN C 72 -8.14 -3.14 23.26
N ASP C 73 -8.32 -4.33 22.70
CA ASP C 73 -7.41 -5.43 23.00
C ASP C 73 -5.96 -5.10 22.70
N ALA C 74 -5.74 -4.01 21.98
CA ALA C 74 -4.38 -3.66 21.65
C ALA C 74 -3.86 -2.47 22.43
N GLU C 75 -4.76 -1.59 22.89
CA GLU C 75 -4.28 -0.44 23.65
C GLU C 75 -3.91 -0.88 25.06
N ASN C 76 -4.55 -1.96 25.52
CA ASN C 76 -4.27 -2.47 26.86
C ASN C 76 -2.80 -2.80 26.90
N LEU C 77 -2.35 -3.49 25.86
CA LEU C 77 -0.96 -3.90 25.75
C LEU C 77 -0.09 -2.83 25.07
N GLY C 96 -20.58 -28.10 5.70
CA GLY C 96 -21.52 -27.15 6.26
C GLY C 96 -20.92 -25.90 6.91
N LEU C 97 -19.60 -25.81 6.91
CA LEU C 97 -18.92 -24.66 7.49
C LEU C 97 -18.79 -23.54 6.46
N SER C 98 -18.35 -22.38 6.91
CA SER C 98 -18.15 -21.24 6.04
C SER C 98 -16.74 -21.34 5.45
N ARG C 99 -16.44 -20.46 4.50
CA ARG C 99 -15.15 -20.47 3.84
C ARG C 99 -14.50 -19.10 3.92
N ARG C 100 -13.19 -19.09 4.08
CA ARG C 100 -12.42 -17.86 4.10
C ARG C 100 -12.54 -17.34 2.67
N ARG C 101 -12.83 -16.05 2.50
CA ARG C 101 -12.98 -15.44 1.17
C ARG C 101 -11.94 -15.89 0.15
N LYS C 102 -12.39 -16.06 -1.09
CA LYS C 102 -11.46 -16.45 -2.14
C LYS C 102 -10.60 -15.24 -2.37
N LYS C 103 -9.31 -15.45 -2.55
CA LYS C 103 -8.41 -14.34 -2.83
C LYS C 103 -8.86 -13.75 -4.17
N ARG C 104 -8.72 -12.43 -4.32
CA ARG C 104 -9.10 -11.78 -5.56
C ARG C 104 -7.98 -12.00 -6.60
N THR C 105 -8.33 -12.50 -7.78
CA THR C 105 -7.30 -12.72 -8.78
C THR C 105 -7.64 -12.07 -10.10
N SER C 106 -6.71 -11.28 -10.61
CA SER C 106 -6.90 -10.55 -11.86
C SER C 106 -7.11 -11.48 -13.06
N ILE C 107 -7.82 -10.93 -14.05
CA ILE C 107 -8.09 -11.60 -15.31
C ILE C 107 -6.99 -11.15 -16.23
N GLU C 108 -6.06 -12.05 -16.59
CA GLU C 108 -4.97 -11.68 -17.49
C GLU C 108 -5.54 -11.03 -18.76
N THR C 109 -4.75 -10.18 -19.41
CA THR C 109 -5.20 -9.46 -20.61
C THR C 109 -5.76 -10.28 -21.77
N ASN C 110 -5.03 -11.32 -22.18
CA ASN C 110 -5.51 -12.14 -23.27
C ASN C 110 -6.93 -12.68 -22.96
N ILE C 111 -7.13 -13.20 -21.75
CA ILE C 111 -8.45 -13.71 -21.33
C ILE C 111 -9.48 -12.59 -21.39
N ARG C 112 -9.10 -11.44 -20.89
CA ARG C 112 -9.97 -10.29 -20.90
C ARG C 112 -10.48 -10.04 -22.34
N VAL C 113 -9.59 -10.04 -23.32
CA VAL C 113 -10.05 -9.77 -24.68
C VAL C 113 -11.00 -10.86 -25.20
N ALA C 114 -10.67 -12.12 -24.91
CA ALA C 114 -11.52 -13.22 -25.32
C ALA C 114 -12.89 -13.08 -24.65
N LEU C 115 -12.90 -13.01 -23.32
CA LEU C 115 -14.17 -12.87 -22.60
C LEU C 115 -14.91 -11.67 -23.12
N GLU C 116 -14.14 -10.65 -23.48
CA GLU C 116 -14.76 -9.45 -24.00
C GLU C 116 -15.49 -9.76 -25.30
N LYS C 117 -14.87 -10.55 -26.19
CA LYS C 117 -15.52 -10.91 -27.45
C LYS C 117 -16.75 -11.76 -27.22
N SER C 118 -16.61 -12.80 -26.41
CA SER C 118 -17.75 -13.67 -26.16
C SER C 118 -18.95 -12.88 -25.64
N PHE C 119 -18.68 -11.86 -24.84
CA PHE C 119 -19.73 -11.04 -24.28
C PHE C 119 -20.55 -10.34 -25.38
N LEU C 120 -19.88 -9.92 -26.45
CA LEU C 120 -20.54 -9.29 -27.59
C LEU C 120 -21.53 -10.23 -28.27
N GLU C 121 -21.09 -11.47 -28.52
CA GLU C 121 -21.93 -12.48 -29.14
C GLU C 121 -23.18 -12.58 -28.29
N ASN C 122 -23.00 -12.63 -26.98
CA ASN C 122 -24.14 -12.66 -26.06
C ASN C 122 -23.76 -12.53 -24.59
N GLN C 123 -24.63 -11.83 -23.87
CA GLN C 123 -24.46 -11.53 -22.45
C GLN C 123 -25.07 -12.52 -21.47
N LYS C 124 -25.84 -13.49 -21.97
CA LYS C 124 -26.47 -14.48 -21.11
C LYS C 124 -26.07 -15.92 -21.45
N PRO C 125 -24.76 -16.19 -21.55
CA PRO C 125 -24.36 -17.57 -21.87
C PRO C 125 -24.97 -18.52 -20.85
N THR C 126 -25.24 -19.75 -21.27
CA THR C 126 -25.84 -20.70 -20.34
C THR C 126 -24.76 -21.42 -19.52
N SER C 127 -25.21 -22.29 -18.63
CA SER C 127 -24.30 -23.02 -17.78
C SER C 127 -23.26 -23.81 -18.56
N GLU C 128 -23.70 -24.61 -19.52
CA GLU C 128 -22.74 -25.38 -20.30
C GLU C 128 -21.88 -24.46 -21.15
N GLU C 129 -22.47 -23.39 -21.67
CA GLU C 129 -21.69 -22.44 -22.48
C GLU C 129 -20.64 -21.85 -21.55
N ILE C 130 -21.07 -21.50 -20.33
CA ILE C 130 -20.16 -20.96 -19.32
C ILE C 130 -19.09 -22.00 -19.06
N THR C 131 -19.51 -23.25 -18.88
CA THR C 131 -18.54 -24.33 -18.65
C THR C 131 -17.60 -24.42 -19.87
N MET C 132 -18.19 -24.32 -21.06
CA MET C 132 -17.43 -24.36 -22.30
C MET C 132 -16.44 -23.20 -22.38
N ILE C 133 -16.95 -21.98 -22.28
CA ILE C 133 -16.08 -20.83 -22.36
C ILE C 133 -14.92 -21.00 -21.40
N ALA C 134 -15.24 -21.31 -20.14
CA ALA C 134 -14.22 -21.50 -19.14
C ALA C 134 -13.24 -22.56 -19.55
N ASP C 135 -13.76 -23.69 -20.00
CA ASP C 135 -12.86 -24.76 -20.37
C ASP C 135 -11.93 -24.36 -21.49
N GLN C 136 -12.45 -23.58 -22.43
CA GLN C 136 -11.68 -23.11 -23.57
C GLN C 136 -10.59 -22.11 -23.16
N LEU C 137 -10.91 -21.25 -22.20
CA LEU C 137 -9.95 -20.26 -21.73
C LEU C 137 -9.10 -20.79 -20.57
N ASN C 138 -9.29 -22.07 -20.24
CA ASN C 138 -8.54 -22.65 -19.13
C ASN C 138 -8.72 -21.77 -17.88
N MET C 139 -9.98 -21.52 -17.55
CA MET C 139 -10.36 -20.71 -16.41
C MET C 139 -11.37 -21.50 -15.62
N GLU C 140 -11.57 -21.11 -14.37
CA GLU C 140 -12.49 -21.77 -13.45
C GLU C 140 -13.94 -21.40 -13.78
N LYS C 141 -14.80 -22.41 -13.92
CA LYS C 141 -16.22 -22.19 -14.24
C LYS C 141 -16.71 -20.93 -13.56
N GLU C 142 -16.85 -21.05 -12.24
CA GLU C 142 -17.34 -20.02 -11.34
C GLU C 142 -16.81 -18.61 -11.57
N VAL C 143 -15.53 -18.49 -11.87
CA VAL C 143 -14.96 -17.19 -12.16
C VAL C 143 -15.60 -16.63 -13.42
N ILE C 144 -15.75 -17.48 -14.43
CA ILE C 144 -16.35 -17.05 -15.67
C ILE C 144 -17.79 -16.74 -15.42
N ARG C 145 -18.46 -17.56 -14.63
CA ARG C 145 -19.83 -17.24 -14.38
C ARG C 145 -19.93 -15.82 -13.76
N VAL C 146 -19.13 -15.58 -12.73
CA VAL C 146 -19.17 -14.33 -12.04
C VAL C 146 -18.82 -13.12 -12.88
N TRP C 147 -17.98 -13.35 -13.88
CA TRP C 147 -17.52 -12.30 -14.77
C TRP C 147 -18.65 -11.81 -15.68
N PHE C 148 -19.45 -12.75 -16.16
CA PHE C 148 -20.57 -12.39 -17.02
C PHE C 148 -21.59 -11.61 -16.20
N SER C 149 -21.72 -11.92 -14.92
CA SER C 149 -22.67 -11.19 -14.09
C SER C 149 -22.12 -9.77 -13.87
N ASN C 150 -20.85 -9.68 -13.48
CA ASN C 150 -20.27 -8.37 -13.26
C ASN C 150 -20.17 -7.56 -14.55
N ARG C 151 -19.79 -8.19 -15.66
CA ARG C 151 -19.69 -7.43 -16.90
C ARG C 151 -21.08 -7.01 -17.37
N ARG C 152 -22.10 -7.74 -16.96
CA ARG C 152 -23.44 -7.39 -17.33
C ARG C 152 -23.79 -6.13 -16.54
N GLN C 153 -23.18 -5.97 -15.37
CA GLN C 153 -23.41 -4.80 -14.53
C GLN C 153 -22.79 -3.57 -15.17
N LYS C 154 -21.49 -3.67 -15.43
CA LYS C 154 -20.72 -2.60 -16.02
C LYS C 154 -21.41 -2.09 -17.27
N GLU C 155 -22.25 -2.95 -17.86
CA GLU C 155 -22.98 -2.62 -19.08
C GLU C 155 -24.10 -1.64 -18.80
N LYS C 156 -25.01 -2.04 -17.91
CA LYS C 156 -26.16 -1.22 -17.54
C LYS C 156 -25.78 0.05 -16.77
N ARG C 157 -24.59 0.56 -17.04
CA ARG C 157 -24.10 1.79 -16.40
C ARG C 157 -23.33 2.62 -17.44
N ILE C 158 -22.19 2.25 -17.79
N ASP D 1 20.82 1.12 19.98
CA ASP D 1 20.71 2.36 19.15
C ASP D 1 19.80 2.16 17.93
N ARG D 2 19.32 3.27 17.37
CA ARG D 2 18.42 3.28 16.21
C ARG D 2 19.20 3.19 14.89
N VAL D 3 18.73 2.33 13.98
CA VAL D 3 19.45 2.17 12.71
C VAL D 3 19.03 3.18 11.65
N LYS D 4 19.99 3.98 11.23
CA LYS D 4 19.78 5.01 10.23
C LYS D 4 19.64 4.42 8.82
N ARG D 5 19.21 5.25 7.87
CA ARG D 5 19.07 4.80 6.50
C ARG D 5 20.45 4.95 5.85
N PRO D 6 20.76 4.05 4.91
CA PRO D 6 22.05 4.12 4.22
C PRO D 6 21.99 5.29 3.25
N MET D 7 23.13 5.94 3.02
CA MET D 7 23.22 7.08 2.13
C MET D 7 23.12 6.75 0.63
N ASN D 8 22.32 7.53 -0.10
CA ASN D 8 22.21 7.33 -1.53
C ASN D 8 23.34 8.12 -2.22
N ALA D 9 23.51 7.93 -3.52
CA ALA D 9 24.57 8.60 -4.25
C ALA D 9 24.68 10.10 -3.92
N PHE D 10 23.56 10.82 -3.99
CA PHE D 10 23.57 12.25 -3.74
C PHE D 10 24.01 12.59 -2.34
N MET D 11 23.53 11.84 -1.36
CA MET D 11 23.93 12.11 -0.01
C MET D 11 25.43 11.92 0.24
N VAL D 12 26.03 10.97 -0.47
CA VAL D 12 27.46 10.65 -0.37
C VAL D 12 28.29 11.82 -0.95
N TRP D 13 27.94 12.19 -2.16
CA TRP D 13 28.60 13.26 -2.87
C TRP D 13 28.47 14.60 -2.17
N SER D 14 27.23 14.99 -1.86
CA SER D 14 27.00 16.26 -1.20
C SER D 14 27.79 16.34 0.11
N ARG D 15 27.99 15.19 0.72
CA ARG D 15 28.74 15.14 1.96
C ARG D 15 30.09 15.84 1.75
N GLY D 16 30.61 15.75 0.53
CA GLY D 16 31.88 16.37 0.23
C GLY D 16 31.76 17.88 0.10
N GLN D 17 30.99 18.31 -0.89
CA GLN D 17 30.77 19.73 -1.13
C GLN D 17 30.30 20.45 0.13
N ARG D 18 29.48 19.78 0.93
CA ARG D 18 28.97 20.38 2.16
C ARG D 18 30.08 21.12 2.91
N ARG D 19 31.22 20.48 3.11
CA ARG D 19 32.33 21.13 3.82
C ARG D 19 32.99 22.20 2.94
N LYS D 20 33.25 21.81 1.69
CA LYS D 20 33.88 22.70 0.72
C LYS D 20 32.92 23.79 0.27
N MET D 21 32.19 24.35 1.22
CA MET D 21 31.24 25.40 0.93
C MET D 21 30.81 25.93 2.28
N ALA D 22 30.76 25.04 3.26
CA ALA D 22 30.36 25.42 4.60
C ALA D 22 31.49 26.17 5.28
N GLN D 23 32.68 25.56 5.28
CA GLN D 23 33.87 26.18 5.89
C GLN D 23 34.26 27.35 5.00
N GLU D 24 34.31 27.10 3.69
CA GLU D 24 34.67 28.10 2.71
C GLU D 24 33.73 29.31 2.80
N ASN D 25 32.47 29.05 3.14
CA ASN D 25 31.50 30.14 3.20
C ASN D 25 30.54 30.00 4.39
N PRO D 26 31.05 30.19 5.63
CA PRO D 26 30.25 30.08 6.85
C PRO D 26 29.11 31.09 6.94
N LYS D 27 28.42 31.10 8.07
CA LYS D 27 27.27 31.98 8.30
C LYS D 27 26.15 31.64 7.29
N MET D 28 26.46 30.77 6.33
CA MET D 28 25.49 30.35 5.32
C MET D 28 24.79 29.12 5.88
N HIS D 29 23.48 29.03 5.68
CA HIS D 29 22.71 27.91 6.21
C HIS D 29 22.78 26.66 5.36
N ASN D 30 22.68 25.50 6.01
CA ASN D 30 22.72 24.23 5.31
C ASN D 30 21.65 24.20 4.22
N SER D 31 20.52 24.84 4.51
CA SER D 31 19.37 24.96 3.60
C SER D 31 19.83 25.47 2.25
N GLU D 32 20.49 26.64 2.26
CA GLU D 32 21.00 27.24 1.03
C GLU D 32 22.05 26.35 0.40
N ILE D 33 22.84 25.69 1.24
CA ILE D 33 23.88 24.78 0.75
C ILE D 33 23.21 23.64 -0.02
N SER D 34 22.25 23.02 0.63
CA SER D 34 21.51 21.91 0.03
C SER D 34 20.94 22.36 -1.31
N LYS D 35 20.33 23.54 -1.32
CA LYS D 35 19.76 24.04 -2.56
C LYS D 35 20.83 24.05 -3.63
N ARG D 36 21.98 24.64 -3.31
CA ARG D 36 23.05 24.71 -4.28
C ARG D 36 23.55 23.34 -4.72
N LEU D 37 23.98 22.52 -3.77
CA LEU D 37 24.46 21.19 -4.12
C LEU D 37 23.40 20.53 -4.99
N GLY D 38 22.15 20.68 -4.57
CA GLY D 38 21.08 20.10 -5.34
C GLY D 38 21.27 20.45 -6.80
N ALA D 39 21.24 21.73 -7.13
CA ALA D 39 21.40 22.18 -8.51
C ALA D 39 22.65 21.64 -9.20
N GLU D 40 23.78 21.75 -8.51
CA GLU D 40 25.04 21.27 -9.06
C GLU D 40 24.98 19.80 -9.45
N TRP D 41 24.39 18.98 -8.58
CA TRP D 41 24.27 17.55 -8.82
C TRP D 41 23.48 17.25 -10.09
N LYS D 42 22.29 17.83 -10.22
CA LYS D 42 21.50 17.55 -11.42
C LYS D 42 22.16 18.04 -12.71
N LEU D 43 23.39 18.53 -12.59
CA LEU D 43 24.14 19.01 -13.74
C LEU D 43 25.35 18.13 -14.05
N LEU D 44 25.63 17.20 -13.15
CA LEU D 44 26.74 16.28 -13.36
C LEU D 44 26.35 15.27 -14.44
N SER D 45 27.36 14.76 -15.13
CA SER D 45 27.15 13.77 -16.18
C SER D 45 27.12 12.39 -15.57
N GLU D 46 26.39 11.47 -16.19
CA GLU D 46 26.30 10.10 -15.69
C GLU D 46 27.70 9.56 -15.42
N THR D 47 28.71 10.22 -15.97
CA THR D 47 30.11 9.82 -15.80
C THR D 47 30.73 10.50 -14.59
N GLU D 48 30.17 11.65 -14.22
CA GLU D 48 30.68 12.37 -13.08
C GLU D 48 30.00 11.86 -11.81
N LYS D 49 28.85 11.22 -11.98
CA LYS D 49 28.09 10.67 -10.86
C LYS D 49 28.51 9.26 -10.53
N ARG D 50 28.73 8.49 -11.60
CA ARG D 50 29.09 7.07 -11.54
C ARG D 50 29.89 6.59 -10.32
N PRO D 51 30.92 7.33 -9.89
CA PRO D 51 31.68 6.88 -8.71
C PRO D 51 30.91 6.94 -7.38
N PHE D 52 30.01 7.92 -7.25
CA PHE D 52 29.24 8.05 -6.02
C PHE D 52 28.07 7.10 -6.04
N ILE D 53 27.53 6.89 -7.23
CA ILE D 53 26.45 5.95 -7.39
C ILE D 53 27.08 4.61 -7.04
N ASP D 54 28.32 4.38 -7.48
CA ASP D 54 28.98 3.12 -7.15
C ASP D 54 29.29 2.97 -5.67
N GLU D 55 29.83 4.01 -5.05
CA GLU D 55 30.10 3.93 -3.63
C GLU D 55 28.77 3.76 -2.83
N ALA D 56 27.69 4.33 -3.35
CA ALA D 56 26.42 4.20 -2.66
C ALA D 56 26.04 2.72 -2.64
N LYS D 57 26.31 2.02 -3.74
CA LYS D 57 25.99 0.61 -3.77
C LYS D 57 26.68 -0.14 -2.62
N ARG D 58 27.96 0.09 -2.46
CA ARG D 58 28.69 -0.58 -1.40
C ARG D 58 28.14 -0.24 -0.04
N LEU D 59 27.78 1.02 0.14
CA LEU D 59 27.24 1.44 1.41
C LEU D 59 25.93 0.69 1.67
N ARG D 60 25.16 0.45 0.61
CA ARG D 60 23.91 -0.25 0.75
C ARG D 60 24.18 -1.71 1.09
N ALA D 61 25.22 -2.26 0.47
CA ALA D 61 25.60 -3.66 0.73
C ALA D 61 26.15 -3.76 2.14
N LEU D 62 26.95 -2.76 2.53
CA LEU D 62 27.53 -2.75 3.87
C LEU D 62 26.45 -2.72 4.95
N HIS D 63 25.41 -1.92 4.71
CA HIS D 63 24.29 -1.75 5.62
C HIS D 63 23.53 -3.06 5.86
N MET D 64 23.26 -3.80 4.79
CA MET D 64 22.54 -5.07 4.95
C MET D 64 23.39 -6.08 5.73
N LYS D 65 24.67 -6.15 5.38
CA LYS D 65 25.55 -7.07 6.07
C LYS D 65 25.53 -6.77 7.57
N GLU D 66 25.57 -5.49 7.93
CA GLU D 66 25.58 -5.13 9.35
C GLU D 66 24.23 -5.02 10.02
N HIS D 67 23.15 -5.14 9.25
CA HIS D 67 21.77 -5.07 9.75
C HIS D 67 20.99 -6.01 8.86
N PRO D 68 21.24 -7.31 8.95
CA PRO D 68 20.53 -8.28 8.11
C PRO D 68 19.00 -8.24 8.16
N ASP D 69 18.46 -7.79 9.30
CA ASP D 69 17.00 -7.76 9.47
C ASP D 69 16.35 -6.38 9.41
N TYR D 70 17.18 -5.36 9.26
CA TYR D 70 16.68 -4.01 9.15
C TYR D 70 15.66 -3.89 8.03
N LYS D 71 14.53 -3.22 8.31
CA LYS D 71 13.48 -2.93 7.32
C LYS D 71 13.17 -1.45 7.60
N TYR D 72 13.06 -0.65 6.56
CA TYR D 72 12.79 0.77 6.73
C TYR D 72 11.35 0.89 7.11
N ARG D 73 11.10 1.66 8.17
CA ARG D 73 9.75 1.85 8.67
C ARG D 73 9.48 3.30 8.98
N PRO D 74 9.16 4.07 7.94
CA PRO D 74 8.88 5.49 8.17
C PRO D 74 7.52 5.55 8.84
N ARG D 75 7.40 6.34 9.91
CA ARG D 75 6.10 6.42 10.55
C ARG D 75 5.45 7.78 10.42
N ARG D 76 4.28 7.77 9.81
CA ARG D 76 3.50 8.97 9.58
C ARG D 76 3.42 9.78 10.87
N LYS D 77 4.21 10.84 10.96
CA LYS D 77 4.22 11.69 12.16
C LYS D 77 2.80 12.09 12.61
N THR D 78 2.65 12.41 13.90
CA THR D 78 1.34 12.81 14.46
C THR D 78 1.04 14.29 14.22
N LYS D 79 -0.04 14.56 13.49
CA LYS D 79 -0.46 15.92 13.16
C LYS D 79 -1.82 15.93 12.44
N THR D 80 -1.99 15.11 11.50
#